data_2QIM
#
_entry.id   2QIM
#
_cell.length_a   73.822
_cell.length_b   73.822
_cell.length_c   67.212
_cell.angle_alpha   90.00
_cell.angle_beta   90.00
_cell.angle_gamma   120.00
#
_symmetry.space_group_name_H-M   'P 65'
#
loop_
_entity.id
_entity.type
_entity.pdbx_description
1 polymer PR10.2B
2 non-polymer 'CALCIUM ION'
3 non-polymer (2E)-2-methyl-4-(9H-purin-6-ylamino)but-2-en-1-ol
4 non-polymer GLYCEROL
5 water water
#
_entity_poly.entity_id   1
_entity_poly.type   'polypeptide(L)'
_entity_poly.pdbx_seq_one_letter_code
;MGVFTFQDEYTSTIAPAKLYKALVTDADIIIPKAVETIQSVEIVEGNGGPGTIKKLTFIEGGESKYVLHKIEAIDEANLG
YNYSIVGGVGLPDTIEKISFETKLVEGANGGSIGKVTIKIETKGDAQPNEEEGKAAKARGDAFFKAIESYLSAHPDYN
;
_entity_poly.pdbx_strand_id   A
#
loop_
_chem_comp.id
_chem_comp.type
_chem_comp.name
_chem_comp.formula
CA non-polymer 'CALCIUM ION' 'Ca 2'
GOL non-polymer GLYCEROL 'C3 H8 O3'
ZEA non-polymer (2E)-2-methyl-4-(9H-purin-6-ylamino)but-2-en-1-ol 'C10 H13 N5 O'
#
# COMPACT_ATOMS: atom_id res chain seq x y z
N GLY A 2 7.95 20.81 6.66
CA GLY A 2 6.98 20.40 7.71
C GLY A 2 6.77 18.91 7.72
N VAL A 3 6.15 18.41 8.75
CA VAL A 3 5.82 17.00 8.90
C VAL A 3 4.33 16.95 9.22
N PHE A 4 3.63 16.07 8.54
CA PHE A 4 2.19 15.91 8.60
C PHE A 4 1.90 14.43 8.69
N THR A 5 0.92 14.06 9.50
CA THR A 5 0.51 12.69 9.56
C THR A 5 -0.99 12.58 9.27
N PHE A 6 -1.37 11.41 8.77
CA PHE A 6 -2.74 11.07 8.43
C PHE A 6 -2.96 9.63 8.84
N GLN A 7 -4.22 9.31 9.14
CA GLN A 7 -4.62 7.97 9.53
C GLN A 7 -5.77 7.50 8.68
N ASP A 8 -5.60 6.30 8.12
CA ASP A 8 -6.66 5.64 7.36
C ASP A 8 -6.93 4.31 8.11
N GLU A 9 -8.16 3.84 7.99
CA GLU A 9 -8.58 2.51 8.40
C GLU A 9 -9.40 1.92 7.27
N TYR A 10 -9.11 0.66 6.95
CA TYR A 10 -9.82 -0.06 5.91
C TYR A 10 -10.35 -1.33 6.54
N THR A 11 -11.64 -1.55 6.43
CA THR A 11 -12.24 -2.75 6.97
C THR A 11 -12.30 -3.81 5.87
N SER A 12 -12.13 -5.05 6.27
CA SER A 12 -12.18 -6.20 5.38
C SER A 12 -12.88 -7.34 6.08
N THR A 13 -13.54 -8.17 5.28
CA THR A 13 -14.12 -9.38 5.78
C THR A 13 -13.06 -10.46 5.95
N ILE A 14 -11.85 -10.22 5.43
CA ILE A 14 -10.79 -11.22 5.44
C ILE A 14 -10.08 -11.16 6.79
N ALA A 15 -9.74 -12.32 7.34
CA ALA A 15 -9.05 -12.45 8.62
C ALA A 15 -7.66 -11.83 8.49
N PRO A 16 -7.12 -11.24 9.56
CA PRO A 16 -5.89 -10.44 9.44
C PRO A 16 -4.66 -11.15 8.92
N ALA A 17 -4.36 -12.36 9.39
CA ALA A 17 -3.15 -13.05 8.93
C ALA A 17 -3.27 -13.42 7.44
N LYS A 18 -4.47 -13.79 6.99
CA LYS A 18 -4.72 -14.11 5.59
C LYS A 18 -4.60 -12.85 4.72
N LEU A 19 -5.19 -11.74 5.19
CA LEU A 19 -5.10 -10.50 4.43
C LEU A 19 -3.65 -10.03 4.36
N TYR A 20 -2.92 -10.17 5.46
CA TYR A 20 -1.50 -9.79 5.44
C TYR A 20 -0.72 -10.64 4.44
N LYS A 21 -0.98 -11.94 4.41
CA LYS A 21 -0.32 -12.83 3.46
C LYS A 21 -0.55 -12.35 2.01
N ALA A 22 -1.78 -11.95 1.71
CA ALA A 22 -2.15 -11.49 0.38
C ALA A 22 -1.45 -10.17 0.05
N LEU A 23 -1.36 -9.28 1.05
CA LEU A 23 -0.86 -7.94 0.81
C LEU A 23 0.65 -7.85 0.79
N VAL A 24 1.28 -8.75 1.54
CA VAL A 24 2.70 -8.66 1.80
C VAL A 24 3.41 -9.85 1.21
N THR A 25 3.27 -11.01 1.85
CA THR A 25 4.01 -12.19 1.43
C THR A 25 3.77 -12.56 -0.03
N ASP A 26 2.51 -12.48 -0.48
CA ASP A 26 2.16 -12.87 -1.82
C ASP A 26 1.78 -11.67 -2.69
N ALA A 27 2.22 -10.48 -2.29
CA ALA A 27 1.87 -9.25 -2.98
C ALA A 27 2.10 -9.35 -4.46
N ASP A 28 3.24 -9.92 -4.87
CA ASP A 28 3.67 -9.84 -6.28
C ASP A 28 2.75 -10.64 -7.19
N ILE A 29 2.06 -11.59 -6.57
CA ILE A 29 1.14 -12.45 -7.30
C ILE A 29 -0.27 -11.89 -7.16
N ILE A 30 -0.72 -11.70 -5.92
CA ILE A 30 -2.13 -11.43 -5.62
C ILE A 30 -2.53 -10.01 -6.02
N ILE A 31 -1.69 -9.03 -5.72
CA ILE A 31 -2.09 -7.65 -5.94
C ILE A 31 -2.44 -7.34 -7.41
N PRO A 32 -1.59 -7.72 -8.37
CA PRO A 32 -1.93 -7.47 -9.77
C PRO A 32 -3.19 -8.22 -10.21
N LYS A 33 -3.37 -9.43 -9.69
CA LYS A 33 -4.59 -10.18 -10.01
C LYS A 33 -5.85 -9.52 -9.49
N ALA A 34 -5.77 -9.02 -8.27
CA ALA A 34 -6.91 -8.45 -7.57
C ALA A 34 -7.25 -7.03 -7.99
N VAL A 35 -6.21 -6.21 -8.12
CA VAL A 35 -6.43 -4.78 -8.19
C VAL A 35 -6.41 -4.36 -9.66
N GLU A 36 -7.52 -3.84 -10.16
CA GLU A 36 -7.71 -3.69 -11.60
C GLU A 36 -6.88 -2.56 -12.18
N THR A 37 -6.35 -1.66 -11.35
CA THR A 37 -5.45 -0.61 -11.83
C THR A 37 -3.96 -0.89 -11.69
N ILE A 38 -3.59 -2.00 -11.08
CA ILE A 38 -2.19 -2.38 -10.85
C ILE A 38 -1.86 -3.55 -11.78
N GLN A 39 -0.84 -3.37 -12.62
CA GLN A 39 -0.46 -4.36 -13.62
C GLN A 39 0.60 -5.32 -13.12
N SER A 40 1.46 -4.86 -12.22
CA SER A 40 2.54 -5.66 -11.70
C SER A 40 3.12 -5.10 -10.42
N VAL A 41 3.66 -5.99 -9.61
CA VAL A 41 4.39 -5.64 -8.36
C VAL A 41 5.62 -6.50 -8.42
N GLU A 42 6.80 -5.90 -8.55
CA GLU A 42 8.05 -6.61 -8.87
C GLU A 42 9.16 -6.15 -7.98
N ILE A 43 10.05 -7.05 -7.63
CA ILE A 43 11.20 -6.70 -6.84
C ILE A 43 12.27 -6.17 -7.81
N VAL A 44 12.73 -4.95 -7.56
CA VAL A 44 13.84 -4.35 -8.25
C VAL A 44 15.18 -4.76 -7.63
N GLU A 45 15.26 -4.71 -6.30
CA GLU A 45 16.47 -5.08 -5.59
C GLU A 45 16.12 -5.52 -4.19
N GLY A 46 16.93 -6.43 -3.63
CA GLY A 46 16.76 -6.91 -2.29
C GLY A 46 16.13 -8.29 -2.25
N ASN A 47 16.20 -8.84 -1.04
CA ASN A 47 15.79 -10.19 -0.69
C ASN A 47 14.38 -10.33 -0.08
N GLY A 48 13.67 -9.20 -0.04
CA GLY A 48 12.34 -9.12 0.58
C GLY A 48 12.31 -8.45 1.92
N GLY A 49 13.48 -8.32 2.56
CA GLY A 49 13.58 -7.65 3.83
C GLY A 49 13.74 -6.16 3.72
N PRO A 50 13.95 -5.50 4.84
CA PRO A 50 14.20 -4.08 4.82
C PRO A 50 15.27 -3.68 3.80
N GLY A 51 14.93 -2.61 3.10
CA GLY A 51 15.77 -2.10 2.02
C GLY A 51 15.39 -2.55 0.64
N THR A 52 14.56 -3.58 0.56
CA THR A 52 14.05 -4.10 -0.69
C THR A 52 13.30 -2.97 -1.38
N ILE A 53 13.49 -2.89 -2.69
CA ILE A 53 12.75 -1.94 -3.52
C ILE A 53 11.79 -2.71 -4.43
N LYS A 54 10.51 -2.33 -4.42
CA LYS A 54 9.49 -2.92 -5.25
C LYS A 54 9.02 -1.86 -6.22
N LYS A 55 8.74 -2.30 -7.44
CA LYS A 55 8.20 -1.45 -8.48
C LYS A 55 6.76 -1.88 -8.72
N LEU A 56 5.85 -0.94 -8.48
CA LEU A 56 4.44 -1.16 -8.71
C LEU A 56 4.03 -0.36 -9.94
N THR A 57 3.61 -1.07 -11.00
CA THR A 57 3.20 -0.45 -12.23
C THR A 57 1.68 -0.42 -12.25
N PHE A 58 1.15 0.73 -12.63
CA PHE A 58 -0.27 0.99 -12.53
C PHE A 58 -0.70 1.84 -13.74
N ILE A 59 -2.02 1.94 -13.95
CA ILE A 59 -2.55 2.76 -15.01
C ILE A 59 -3.27 3.92 -14.31
N GLU A 60 -3.06 5.16 -14.81
CA GLU A 60 -3.71 6.32 -14.23
C GLU A 60 -3.92 7.35 -15.30
N GLY A 61 -5.17 7.75 -15.46
CA GLY A 61 -5.49 8.67 -16.54
C GLY A 61 -5.11 8.08 -17.87
N GLY A 62 -5.22 6.76 -18.00
CA GLY A 62 -4.94 6.10 -19.23
C GLY A 62 -3.48 5.83 -19.49
N GLU A 63 -2.60 6.36 -18.65
CA GLU A 63 -1.16 6.25 -18.86
C GLU A 63 -0.55 5.22 -17.91
N SER A 64 0.39 4.46 -18.44
CA SER A 64 1.18 3.53 -17.67
C SER A 64 2.26 4.28 -16.89
N LYS A 65 2.26 4.07 -15.58
CA LYS A 65 3.19 4.72 -14.68
C LYS A 65 3.64 3.69 -13.67
N TYR A 66 4.61 4.06 -12.85
CA TYR A 66 5.02 3.24 -11.75
C TYR A 66 5.39 4.09 -10.55
N VAL A 67 5.44 3.42 -9.41
CA VAL A 67 5.98 3.96 -8.19
C VAL A 67 6.94 2.93 -7.62
N LEU A 68 7.98 3.41 -6.94
CA LEU A 68 8.89 2.52 -6.20
C LEU A 68 8.62 2.66 -4.73
N HIS A 69 8.56 1.50 -4.08
CA HIS A 69 8.44 1.38 -2.63
C HIS A 69 9.71 0.77 -2.06
N LYS A 70 10.20 1.37 -0.98
CA LYS A 70 11.27 0.81 -0.20
C LYS A 70 10.70 0.22 1.09
N ILE A 71 10.98 -1.06 1.33
CA ILE A 71 10.52 -1.68 2.59
C ILE A 71 11.39 -1.11 3.71
N GLU A 72 10.71 -0.57 4.72
CA GLU A 72 11.39 -0.06 5.91
C GLU A 72 11.36 -1.06 7.05
N ALA A 73 10.25 -1.76 7.19
CA ALA A 73 10.10 -2.80 8.21
C ALA A 73 9.08 -3.82 7.71
N ILE A 74 9.30 -5.09 8.07
CA ILE A 74 8.41 -6.12 7.71
C ILE A 74 8.42 -7.14 8.85
N ASP A 75 7.28 -7.23 9.49
CA ASP A 75 7.13 -8.01 10.72
C ASP A 75 5.87 -8.87 10.64
N GLU A 76 6.02 -10.06 10.09
CA GLU A 76 4.86 -10.91 9.90
C GLU A 76 4.25 -11.32 11.23
N ALA A 77 5.11 -11.53 12.23
CA ALA A 77 4.66 -11.94 13.57
C ALA A 77 3.60 -10.97 14.10
N ASN A 78 3.77 -9.68 13.82
CA ASN A 78 2.89 -8.63 14.34
C ASN A 78 2.05 -7.96 13.25
N LEU A 79 1.98 -8.62 12.11
CA LEU A 79 1.21 -8.17 10.98
C LEU A 79 1.52 -6.69 10.65
N GLY A 80 2.83 -6.37 10.65
CA GLY A 80 3.29 -5.03 10.37
C GLY A 80 4.04 -4.94 9.08
N TYR A 81 3.89 -3.81 8.38
CA TYR A 81 4.62 -3.56 7.16
C TYR A 81 4.72 -2.04 7.00
N ASN A 82 5.97 -1.58 6.94
CA ASN A 82 6.27 -0.16 6.79
C ASN A 82 7.08 0.03 5.52
N TYR A 83 6.76 1.08 4.77
CA TYR A 83 7.46 1.35 3.55
C TYR A 83 7.43 2.83 3.23
N SER A 84 8.30 3.26 2.32
CA SER A 84 8.34 4.60 1.83
C SER A 84 8.25 4.61 0.31
N ILE A 85 7.80 5.73 -0.26
CA ILE A 85 7.79 5.87 -1.71
C ILE A 85 9.15 6.52 -2.07
N VAL A 86 9.89 5.87 -2.96
CA VAL A 86 11.27 6.31 -3.29
C VAL A 86 11.46 6.55 -4.78
N GLY A 87 10.36 6.58 -5.51
CA GLY A 87 10.41 6.99 -6.87
C GLY A 87 9.08 6.96 -7.59
N GLY A 88 9.03 7.67 -8.70
CA GLY A 88 7.81 7.74 -9.46
C GLY A 88 7.98 8.44 -10.77
N VAL A 89 6.83 8.75 -11.38
CA VAL A 89 6.79 9.28 -12.74
C VAL A 89 6.16 10.67 -12.61
N GLY A 90 6.78 11.63 -13.26
CA GLY A 90 6.33 13.03 -13.22
C GLY A 90 7.32 13.89 -12.46
N LEU A 91 7.06 15.21 -12.49
CA LEU A 91 7.90 16.20 -11.85
C LEU A 91 7.75 16.16 -10.33
N PRO A 92 8.79 16.60 -9.61
CA PRO A 92 8.65 16.81 -8.16
C PRO A 92 7.44 17.70 -7.79
N ASP A 93 6.85 17.48 -6.61
CA ASP A 93 5.71 18.28 -6.12
C ASP A 93 5.96 18.83 -4.70
N THR A 94 4.96 18.92 -3.82
CA THR A 94 5.30 19.42 -2.47
C THR A 94 5.78 18.32 -1.56
N ILE A 95 5.60 17.06 -1.93
CA ILE A 95 6.07 15.99 -1.08
C ILE A 95 7.61 15.89 -1.24
N GLU A 96 8.36 16.09 -0.13
CA GLU A 96 9.78 15.70 0.00
C GLU A 96 9.85 14.21 0.27
N LYS A 97 8.97 13.69 1.13
CA LYS A 97 8.95 12.28 1.45
C LYS A 97 7.58 11.85 1.93
N ILE A 98 7.13 10.68 1.48
CA ILE A 98 5.90 10.07 2.01
C ILE A 98 6.21 8.61 2.39
N SER A 99 5.82 8.27 3.60
CA SER A 99 5.99 6.95 4.12
C SER A 99 4.80 6.47 4.90
N PHE A 100 4.78 5.17 5.14
CA PHE A 100 3.62 4.50 5.62
C PHE A 100 4.02 3.50 6.69
N GLU A 101 3.22 3.42 7.73
CA GLU A 101 3.30 2.37 8.74
C GLU A 101 1.95 1.67 8.75
N THR A 102 1.94 0.37 8.50
CA THR A 102 0.71 -0.39 8.40
C THR A 102 0.73 -1.55 9.39
N LYS A 103 -0.48 -1.81 9.89
CA LYS A 103 -0.70 -2.89 10.80
C LYS A 103 -2.09 -3.41 10.51
N LEU A 104 -2.23 -4.73 10.55
CA LEU A 104 -3.53 -5.37 10.42
C LEU A 104 -3.92 -5.91 11.77
N VAL A 105 -5.18 -5.66 12.12
CA VAL A 105 -5.71 -6.13 13.41
C VAL A 105 -7.07 -6.78 13.20
N GLU A 106 -7.50 -7.55 14.18
CA GLU A 106 -8.79 -8.23 14.12
C GLU A 106 -9.91 -7.19 14.06
N GLY A 107 -10.93 -7.47 13.23
CA GLY A 107 -12.04 -6.56 13.02
C GLY A 107 -13.32 -7.21 13.45
N ALA A 108 -14.33 -7.09 12.59
CA ALA A 108 -15.67 -7.51 12.92
C ALA A 108 -15.91 -8.88 12.32
N ASN A 109 -16.59 -9.74 13.07
CA ASN A 109 -17.04 -11.01 12.53
C ASN A 109 -15.87 -11.76 11.90
N GLY A 110 -14.71 -11.69 12.54
CA GLY A 110 -13.57 -12.46 12.08
C GLY A 110 -12.81 -11.82 10.95
N GLY A 111 -13.21 -10.60 10.56
CA GLY A 111 -12.46 -9.81 9.59
C GLY A 111 -11.29 -9.04 10.18
N SER A 112 -10.91 -7.98 9.47
CA SER A 112 -9.72 -7.21 9.73
C SER A 112 -10.02 -5.74 9.74
N ILE A 113 -9.14 -4.98 10.37
CA ILE A 113 -9.01 -3.56 10.11
C ILE A 113 -7.55 -3.35 9.75
N GLY A 114 -7.38 -2.83 8.53
CA GLY A 114 -6.09 -2.38 8.02
C GLY A 114 -5.85 -0.94 8.45
N LYS A 115 -4.91 -0.76 9.37
CA LYS A 115 -4.53 0.58 9.84
C LYS A 115 -3.34 1.06 9.06
N VAL A 116 -3.41 2.32 8.70
CA VAL A 116 -2.32 2.93 7.96
C VAL A 116 -2.05 4.32 8.53
N THR A 117 -0.80 4.58 8.94
CA THR A 117 -0.38 5.92 9.27
C THR A 117 0.51 6.39 8.14
N ILE A 118 0.14 7.53 7.59
CA ILE A 118 0.82 8.18 6.50
C ILE A 118 1.59 9.40 7.04
N LYS A 119 2.90 9.45 6.76
CA LYS A 119 3.73 10.56 7.18
C LYS A 119 4.25 11.28 5.94
N ILE A 120 3.88 12.57 5.82
CA ILE A 120 4.32 13.37 4.68
C ILE A 120 5.24 14.47 5.22
N GLU A 121 6.42 14.55 4.62
CA GLU A 121 7.39 15.57 4.93
C GLU A 121 7.44 16.50 3.74
N THR A 122 7.32 17.81 4.01
CA THR A 122 7.37 18.82 2.99
C THR A 122 8.56 19.77 3.26
N LYS A 123 8.86 20.65 2.32
CA LYS A 123 9.96 21.66 2.55
C LYS A 123 9.33 22.86 3.23
N GLY A 124 9.83 23.16 4.44
CA GLY A 124 9.46 24.36 5.16
C GLY A 124 7.97 24.35 5.43
N ASP A 125 7.31 25.43 5.02
CA ASP A 125 5.91 25.63 5.35
C ASP A 125 4.97 25.14 4.25
N ALA A 126 5.47 24.42 3.27
CA ALA A 126 4.63 23.81 2.23
C ALA A 126 3.70 22.82 2.92
N GLN A 127 2.48 22.75 2.40
CA GLN A 127 1.46 21.88 2.96
C GLN A 127 1.23 20.69 2.03
N PRO A 128 0.76 19.57 2.60
CA PRO A 128 0.36 18.47 1.76
C PRO A 128 -0.74 18.87 0.81
N ASN A 129 -0.75 18.25 -0.35
CA ASN A 129 -1.81 18.49 -1.32
C ASN A 129 -3.04 17.70 -0.97
N GLU A 130 -4.11 18.43 -0.73
CA GLU A 130 -5.36 17.85 -0.29
C GLU A 130 -6.03 16.99 -1.33
N GLU A 131 -6.05 17.48 -2.58
CA GLU A 131 -6.65 16.67 -3.64
C GLU A 131 -5.92 15.35 -3.78
N GLU A 132 -4.59 15.40 -3.72
CA GLU A 132 -3.83 14.17 -3.80
C GLU A 132 -4.09 13.20 -2.65
N GLY A 133 -4.20 13.74 -1.43
CA GLY A 133 -4.51 12.92 -0.31
C GLY A 133 -5.85 12.24 -0.45
N LYS A 134 -6.85 13.01 -0.91
CA LYS A 134 -8.17 12.43 -1.13
C LYS A 134 -8.09 11.32 -2.17
N ALA A 135 -7.36 11.57 -3.25
CA ALA A 135 -7.25 10.59 -4.35
C ALA A 135 -6.53 9.33 -3.83
N ALA A 136 -5.50 9.55 -3.00
CA ALA A 136 -4.71 8.45 -2.47
C ALA A 136 -5.52 7.59 -1.53
N LYS A 137 -6.34 8.22 -0.69
CA LYS A 137 -7.24 7.48 0.17
C LYS A 137 -8.28 6.72 -0.64
N ALA A 138 -8.85 7.36 -1.66
CA ALA A 138 -9.80 6.68 -2.53
C ALA A 138 -9.13 5.49 -3.16
N ARG A 139 -7.88 5.61 -3.59
CA ARG A 139 -7.20 4.42 -4.13
C ARG A 139 -7.08 3.33 -3.09
N GLY A 140 -6.80 3.72 -1.85
CA GLY A 140 -6.69 2.79 -0.76
C GLY A 140 -7.99 2.01 -0.55
N ASP A 141 -9.12 2.72 -0.60
CA ASP A 141 -10.44 2.09 -0.50
C ASP A 141 -10.63 1.08 -1.62
N ALA A 142 -10.28 1.48 -2.85
CA ALA A 142 -10.47 0.61 -4.03
C ALA A 142 -9.56 -0.61 -3.93
N PHE A 143 -8.34 -0.40 -3.43
CA PHE A 143 -7.33 -1.43 -3.28
C PHE A 143 -7.81 -2.51 -2.31
N PHE A 144 -8.25 -2.11 -1.12
CA PHE A 144 -8.77 -3.08 -0.17
C PHE A 144 -10.04 -3.73 -0.63
N LYS A 145 -10.93 -3.00 -1.28
CA LYS A 145 -12.14 -3.59 -1.86
C LYS A 145 -11.85 -4.67 -2.87
N ALA A 146 -10.89 -4.39 -3.76
CA ALA A 146 -10.52 -5.34 -4.81
C ALA A 146 -9.91 -6.57 -4.18
N ILE A 147 -9.02 -6.36 -3.21
CA ILE A 147 -8.39 -7.50 -2.56
C ILE A 147 -9.42 -8.36 -1.81
N GLU A 148 -10.37 -7.73 -1.12
CA GLU A 148 -11.42 -8.43 -0.42
C GLU A 148 -12.27 -9.27 -1.37
N SER A 149 -12.72 -8.65 -2.46
CA SER A 149 -13.51 -9.34 -3.48
C SER A 149 -12.74 -10.52 -4.03
N TYR A 150 -11.46 -10.33 -4.34
CA TYR A 150 -10.63 -11.39 -4.93
C TYR A 150 -10.44 -12.57 -3.99
N LEU A 151 -10.09 -12.26 -2.75
CA LEU A 151 -9.85 -13.31 -1.75
C LEU A 151 -11.12 -14.01 -1.34
N SER A 152 -12.27 -13.33 -1.43
CA SER A 152 -13.56 -13.94 -1.21
C SER A 152 -13.84 -14.95 -2.30
N ALA A 153 -13.45 -14.65 -3.54
CA ALA A 153 -13.70 -15.55 -4.68
C ALA A 153 -12.64 -16.66 -4.83
N HIS A 154 -11.47 -16.48 -4.24
CA HIS A 154 -10.34 -17.39 -4.34
C HIS A 154 -9.67 -17.55 -2.96
N PRO A 155 -10.39 -18.07 -1.93
CA PRO A 155 -9.84 -18.21 -0.55
C PRO A 155 -8.58 -19.11 -0.43
N ASP A 156 -8.45 -19.96 -1.43
CA ASP A 156 -7.27 -20.77 -1.65
C ASP A 156 -6.51 -20.08 -2.78
N TYR A 157 -5.23 -20.42 -2.92
CA TYR A 157 -4.50 -20.03 -4.12
C TYR A 157 -3.05 -20.46 -3.98
N ASN A 158 -2.39 -20.67 -5.12
CA ASN A 158 -0.98 -21.08 -5.17
C ASN A 158 -0.62 -22.14 -4.14
CA CA B . -4.43 -5.80 -12.10
O16 ZEA C . 4.99 -2.05 -1.06
C14 ZEA C . 4.01 -2.85 -1.82
C13 ZEA C . 2.60 -2.57 -1.31
C15 ZEA C . 1.62 -3.59 -1.92
C12 ZEA C . 2.28 -1.62 -0.42
C11 ZEA C . 0.84 -1.44 0.08
N10 ZEA C . 0.75 -2.35 1.24
C6 ZEA C . -0.13 -2.18 2.27
C5 ZEA C . -0.15 -3.10 3.33
N9 ZEA C . 0.56 -4.25 3.62
C4 ZEA C . -1.08 -2.86 4.35
N7 ZEA C . -0.92 -3.88 5.30
C8 ZEA C . 0.06 -4.68 4.82
N3 ZEA C . -1.92 -1.81 4.36
C2 ZEA C . -1.77 -1.02 3.30
N1 ZEA C . -0.95 -1.12 2.26
O16 ZEA D . -0.46 1.42 1.42
C14 ZEA D . -0.94 2.38 2.34
C13 ZEA D . -2.28 2.95 1.74
C15 ZEA D . -3.40 1.98 1.45
C12 ZEA D . -2.28 4.27 1.60
C11 ZEA D . -3.42 5.08 1.12
N10 ZEA D . -3.70 6.31 1.92
C6 ZEA D . -2.95 7.49 1.65
C5 ZEA D . -3.40 8.59 2.33
N9 ZEA D . -4.38 8.90 3.21
C4 ZEA D . -2.71 9.79 2.07
N7 ZEA D . -3.29 10.83 2.82
C8 ZEA D . -4.26 10.21 3.47
N3 ZEA D . -1.67 9.88 1.22
C2 ZEA D . -1.40 8.76 0.71
N1 ZEA D . -1.92 7.56 0.84
O16 ZEA E . -3.71 2.39 -2.87
C14 ZEA E . -2.65 1.62 -2.25
C13 ZEA E . -1.58 1.43 -3.31
C15 ZEA E . -0.48 0.55 -2.73
C12 ZEA E . -1.38 1.82 -4.55
C11 ZEA E . -0.34 1.63 -5.49
N10 ZEA E . -0.05 3.05 -6.01
C6 ZEA E . -0.85 3.55 -6.98
C5 ZEA E . -0.81 4.88 -7.47
N9 ZEA E . -0.03 5.96 -7.08
C4 ZEA E . -1.67 5.38 -8.50
N7 ZEA E . -1.45 6.67 -8.74
C8 ZEA E . -0.42 6.98 -7.82
N3 ZEA E . -2.65 4.61 -9.18
C2 ZEA E . -2.61 3.31 -8.63
N1 ZEA E . -1.79 2.76 -7.62
O16 ZEA F . -5.61 19.63 3.62
C14 ZEA F . -5.88 18.37 4.47
C13 ZEA F . -5.36 17.27 3.63
C15 ZEA F . -3.91 17.26 3.01
C12 ZEA F . -6.27 16.13 3.44
C11 ZEA F . -5.82 14.95 2.64
N10 ZEA F . -6.06 13.81 3.55
C6 ZEA F . -7.16 13.07 3.66
C5 ZEA F . -7.36 12.07 4.65
N9 ZEA F . -6.49 11.58 5.69
C4 ZEA F . -8.54 11.36 4.72
N7 ZEA F . -8.42 10.49 5.72
C8 ZEA F . -7.09 10.63 6.41
N3 ZEA F . -9.56 11.53 3.84
C2 ZEA F . -9.28 12.51 2.94
N1 ZEA F . -8.22 13.30 2.74
C1 GOL G . -16.65 -14.09 -8.74
O1 GOL G . -17.71 -14.03 -9.68
C2 GOL G . -15.80 -12.85 -8.92
O2 GOL G . -14.55 -13.20 -9.47
C3 GOL G . -15.58 -12.08 -7.62
O3 GOL G . -16.81 -11.85 -6.97
#